data_3VJE
#
_entry.id   3VJE
#
_cell.length_a   80.177
_cell.length_b   80.177
_cell.length_c   185.414
_cell.angle_alpha   90.00
_cell.angle_beta   90.00
_cell.angle_gamma   120.00
#
_symmetry.space_group_name_H-M   'P 31 2 1'
#
loop_
_entity.id
_entity.type
_entity.pdbx_description
1 polymer 'Dehydrosqualene synthase'
2 non-polymer 'Zaragozic acid A'
3 water water
#
_entity_poly.entity_id   1
_entity_poly.type   'polypeptide(L)'
_entity_poly.pdbx_seq_one_letter_code
;AAAAAAMTMMDMNFKYCHKIMKKHSKSFSYAFDLLPEDQRKAVWAIYAVCRKIDDSIDVYGDIQFLNQIKEDIQSIEKYP
YEYHHFQSDRRIMMALQHVAQHKNIAFQSFYNLIDTVYKDQHFTMFETDAELFGYCYGVAGTVGEVLTPILSDHETHQTY
DVARRLGESLQLINILRDVGEDFENERIYFSKQRLKQYEVDIAEVYQNGVNNHYIDLWEYYAAIAEKDFRDVMDQIKVFS
IEAQPIIELAARIAIEILDEVRQANYTLHERVFVEKRKKAKLFHEINSKYHRI
;
_entity_poly.pdbx_strand_id   A,B
#
# COMPACT_ATOMS: atom_id res chain seq x y z
N MET A 7 -11.10 -9.48 -24.41
CA MET A 7 -9.70 -9.40 -23.92
C MET A 7 -8.88 -10.62 -24.35
N THR A 8 -7.74 -10.37 -24.98
CA THR A 8 -6.76 -11.42 -25.22
C THR A 8 -6.10 -11.70 -23.88
N MET A 9 -5.31 -12.75 -23.79
CA MET A 9 -4.62 -13.06 -22.55
C MET A 9 -3.60 -11.97 -22.21
N MET A 10 -2.90 -11.49 -23.24
CA MET A 10 -1.92 -10.40 -23.08
C MET A 10 -2.54 -9.14 -22.49
N ASP A 11 -3.73 -8.77 -22.99
CA ASP A 11 -4.52 -7.69 -22.38
C ASP A 11 -4.67 -7.89 -20.87
N MET A 12 -5.07 -9.09 -20.46
CA MET A 12 -5.24 -9.42 -19.04
C MET A 12 -3.94 -9.24 -18.26
N ASN A 13 -2.80 -9.57 -18.88
CA ASN A 13 -1.49 -9.34 -18.27
C ASN A 13 -1.22 -7.86 -18.00
N PHE A 14 -1.43 -7.04 -19.03
CA PHE A 14 -1.30 -5.60 -18.87
C PHE A 14 -2.30 -4.99 -17.88
N LYS A 15 -3.55 -5.48 -17.89
CA LYS A 15 -4.57 -4.99 -16.97
C LYS A 15 -4.16 -5.26 -15.52
N TYR A 16 -3.60 -6.44 -15.29
CA TYR A 16 -3.06 -6.77 -13.99
C TYR A 16 -1.94 -5.82 -13.57
N CYS A 17 -1.02 -5.52 -14.50
CA CYS A 17 0.06 -4.58 -14.22
C CYS A 17 -0.53 -3.21 -13.87
N HIS A 18 -1.55 -2.81 -14.63
CA HIS A 18 -2.27 -1.57 -14.34
C HIS A 18 -2.86 -1.53 -12.92
N LYS A 19 -3.48 -2.63 -12.51
CA LYS A 19 -4.06 -2.79 -11.17
C LYS A 19 -3.03 -2.52 -10.08
N ILE A 20 -1.84 -3.09 -10.24
CA ILE A 20 -0.74 -2.86 -9.32
C ILE A 20 -0.37 -1.37 -9.27
N MET A 21 -0.26 -0.73 -10.44
CA MET A 21 0.08 0.70 -10.46
C MET A 21 -1.01 1.55 -9.79
N LYS A 22 -2.26 1.32 -10.18
CA LYS A 22 -3.41 2.09 -9.70
C LYS A 22 -3.66 2.02 -8.19
N LYS A 23 -3.41 0.86 -7.60
CA LYS A 23 -3.62 0.70 -6.17
C LYS A 23 -2.56 1.41 -5.32
N HIS A 24 -1.32 1.40 -5.77
CA HIS A 24 -0.18 1.87 -4.98
C HIS A 24 0.33 3.27 -5.34
N SER A 25 0.16 3.65 -6.60
CA SER A 25 0.77 4.88 -7.08
C SER A 25 -0.15 6.06 -6.85
N LYS A 26 0.12 6.81 -5.79
CA LYS A 26 -0.72 7.97 -5.48
C LYS A 26 -0.32 9.18 -6.32
N SER A 27 0.90 9.16 -6.86
CA SER A 27 1.45 10.28 -7.64
C SER A 27 1.83 9.96 -9.09
N PHE A 28 2.64 8.93 -9.35
CA PHE A 28 2.99 8.58 -10.74
C PHE A 28 1.78 8.24 -11.64
N SER A 29 0.77 7.62 -11.05
CA SER A 29 -0.37 7.07 -11.80
C SER A 29 -1.15 8.11 -12.62
N TYR A 30 -1.35 9.28 -12.04
CA TYR A 30 -2.06 10.36 -12.73
C TYR A 30 -1.33 10.78 -14.00
N ALA A 31 -0.02 10.98 -13.90
CA ALA A 31 0.79 11.45 -15.02
C ALA A 31 0.90 10.43 -16.15
N PHE A 32 1.21 9.20 -15.77
CA PHE A 32 1.58 8.20 -16.75
C PHE A 32 0.37 7.73 -17.55
N ASP A 33 -0.81 7.81 -16.93
CA ASP A 33 -2.06 7.52 -17.61
C ASP A 33 -2.53 8.66 -18.53
N LEU A 34 -1.84 9.79 -18.49
CA LEU A 34 -2.03 10.83 -19.51
C LEU A 34 -1.36 10.50 -20.84
N LEU A 35 -0.46 9.51 -20.84
CA LEU A 35 0.27 9.11 -22.04
C LEU A 35 -0.62 8.33 -22.98
N PRO A 36 -0.24 8.20 -24.27
CA PRO A 36 -0.99 7.35 -25.20
C PRO A 36 -0.92 5.88 -24.80
N GLU A 37 -1.77 5.05 -25.39
CA GLU A 37 -2.00 3.67 -24.94
C GLU A 37 -0.81 2.70 -24.95
N ASP A 38 -0.04 2.65 -26.04
CA ASP A 38 1.10 1.75 -26.13
C ASP A 38 2.21 2.09 -25.13
N GLN A 39 2.45 3.38 -24.92
CA GLN A 39 3.43 3.85 -23.96
C GLN A 39 2.96 3.64 -22.53
N ARG A 40 1.68 3.94 -22.28
CA ARG A 40 1.04 3.76 -20.98
C ARG A 40 1.13 2.31 -20.52
N LYS A 41 0.82 1.39 -21.43
CA LYS A 41 0.88 -0.04 -21.14
C LYS A 41 2.29 -0.51 -20.80
N ALA A 42 3.26 -0.06 -21.58
CA ALA A 42 4.66 -0.37 -21.32
C ALA A 42 5.09 0.14 -19.94
N VAL A 43 4.69 1.38 -19.61
CA VAL A 43 4.98 1.98 -18.29
C VAL A 43 4.33 1.19 -17.15
N TRP A 44 3.10 0.70 -17.34
CA TRP A 44 2.47 -0.15 -16.32
C TRP A 44 3.31 -1.40 -15.99
N ALA A 45 3.79 -2.06 -17.04
CA ALA A 45 4.59 -3.27 -16.90
C ALA A 45 5.93 -2.95 -16.22
N ILE A 46 6.55 -1.85 -16.61
CA ILE A 46 7.80 -1.45 -15.97
C ILE A 46 7.58 -1.08 -14.50
N TYR A 47 6.54 -0.30 -14.24
CA TYR A 47 6.19 0.07 -12.86
C TYR A 47 5.88 -1.15 -12.01
N ALA A 48 5.07 -2.07 -12.53
CA ALA A 48 4.75 -3.29 -11.81
C ALA A 48 6.00 -4.12 -11.49
N VAL A 49 6.89 -4.33 -12.47
CA VAL A 49 8.15 -5.03 -12.23
C VAL A 49 9.03 -4.34 -11.17
N CYS A 50 9.24 -3.03 -11.29
CA CYS A 50 10.05 -2.31 -10.32
C CYS A 50 9.44 -2.30 -8.91
N ARG A 51 8.12 -2.23 -8.83
CA ARG A 51 7.47 -2.29 -7.53
C ARG A 51 7.61 -3.66 -6.85
N LYS A 52 7.50 -4.72 -7.66
CA LYS A 52 7.73 -6.07 -7.17
C LYS A 52 9.16 -6.25 -6.67
N ILE A 53 10.11 -5.68 -7.40
CA ILE A 53 11.52 -5.66 -6.96
C ILE A 53 11.67 -4.96 -5.60
N ASP A 54 11.11 -3.76 -5.49
CA ASP A 54 11.19 -2.97 -4.26
C ASP A 54 10.50 -3.69 -3.09
N ASP A 55 9.31 -4.24 -3.35
CA ASP A 55 8.53 -5.01 -2.37
C ASP A 55 9.24 -6.26 -1.84
N SER A 56 9.86 -7.01 -2.74
CA SER A 56 10.36 -8.34 -2.44
C SER A 56 11.18 -8.36 -1.15
N ILE A 57 11.86 -7.24 -0.92
CA ILE A 57 12.82 -7.09 0.16
C ILE A 57 12.16 -6.36 1.34
N ASP A 58 11.56 -5.22 1.04
CA ASP A 58 10.92 -4.31 2.00
C ASP A 58 9.76 -4.96 2.73
N VAL A 59 9.01 -5.81 2.02
CA VAL A 59 7.76 -6.36 2.53
C VAL A 59 7.74 -7.89 2.59
N TYR A 60 7.66 -8.54 1.44
CA TYR A 60 7.45 -9.99 1.38
C TYR A 60 8.62 -10.74 2.02
N GLY A 61 9.77 -10.08 2.10
CA GLY A 61 10.90 -10.55 2.91
C GLY A 61 11.57 -11.84 2.46
N ASP A 62 12.10 -11.84 1.24
CA ASP A 62 12.87 -12.98 0.74
C ASP A 62 13.81 -12.65 -0.40
N ILE A 63 15.07 -13.04 -0.22
CA ILE A 63 16.08 -12.95 -1.27
C ILE A 63 15.66 -13.78 -2.48
N GLN A 64 15.02 -14.92 -2.22
CA GLN A 64 14.65 -15.85 -3.27
C GLN A 64 13.63 -15.30 -4.27
N PHE A 65 12.62 -14.57 -3.80
CA PHE A 65 11.68 -13.91 -4.71
C PHE A 65 12.40 -12.89 -5.59
N LEU A 66 13.34 -12.14 -5.01
CA LEU A 66 14.20 -11.24 -5.77
C LEU A 66 15.07 -11.99 -6.78
N ASN A 67 15.63 -13.12 -6.35
CA ASN A 67 16.41 -14.00 -7.23
C ASN A 67 15.54 -14.45 -8.39
N GLN A 68 14.28 -14.78 -8.10
CA GLN A 68 13.34 -15.22 -9.13
C GLN A 68 13.06 -14.12 -10.14
N ILE A 69 12.85 -12.89 -9.66
CA ILE A 69 12.68 -11.75 -10.55
C ILE A 69 13.89 -11.59 -11.48
N LYS A 70 15.09 -11.65 -10.92
CA LYS A 70 16.27 -11.46 -11.74
C LYS A 70 16.39 -12.54 -12.80
N GLU A 71 16.09 -13.79 -12.41
CA GLU A 71 16.21 -14.89 -13.34
C GLU A 71 15.17 -14.82 -14.45
N ASP A 72 13.95 -14.42 -14.10
CA ASP A 72 12.92 -14.15 -15.11
C ASP A 72 13.36 -13.12 -16.12
N ILE A 73 13.93 -12.00 -15.66
CA ILE A 73 14.39 -10.92 -16.54
C ILE A 73 15.54 -11.43 -17.42
N GLN A 74 16.42 -12.23 -16.84
CA GLN A 74 17.53 -12.84 -17.59
C GLN A 74 17.02 -13.79 -18.66
N SER A 75 15.99 -14.57 -18.35
CA SER A 75 15.36 -15.43 -19.37
C SER A 75 14.79 -14.63 -20.56
N ILE A 76 14.13 -13.51 -20.28
CA ILE A 76 13.62 -12.61 -21.32
C ILE A 76 14.75 -12.02 -22.17
N GLU A 77 15.83 -11.56 -21.55
CA GLU A 77 16.97 -11.02 -22.28
C GLU A 77 17.62 -12.04 -23.24
N LYS A 78 17.84 -13.25 -22.74
CA LYS A 78 18.52 -14.29 -23.51
C LYS A 78 17.64 -14.87 -24.61
N TYR A 79 16.36 -15.06 -24.30
CA TYR A 79 15.40 -15.67 -25.22
C TYR A 79 14.10 -14.85 -25.27
N PRO A 80 14.14 -13.68 -25.91
CA PRO A 80 12.95 -12.82 -25.92
C PRO A 80 11.70 -13.39 -26.61
N TYR A 81 11.87 -14.37 -27.50
CA TYR A 81 10.74 -14.98 -28.20
C TYR A 81 10.36 -16.40 -27.78
N GLU A 82 10.98 -16.93 -26.73
CA GLU A 82 10.61 -18.27 -26.27
C GLU A 82 9.59 -18.22 -25.14
N TYR A 83 8.80 -19.28 -25.00
CA TYR A 83 7.86 -19.35 -23.89
C TYR A 83 8.60 -19.74 -22.61
N HIS A 84 8.49 -18.90 -21.57
CA HIS A 84 9.14 -19.17 -20.29
C HIS A 84 8.11 -19.47 -19.21
N HIS A 85 8.45 -20.43 -18.35
CA HIS A 85 7.70 -20.68 -17.12
C HIS A 85 8.30 -19.74 -16.08
N PHE A 86 7.72 -18.56 -15.95
CA PHE A 86 8.35 -17.53 -15.12
C PHE A 86 8.27 -17.95 -13.66
N GLN A 87 9.33 -17.69 -12.91
CA GLN A 87 9.36 -18.10 -11.51
C GLN A 87 8.73 -17.05 -10.58
N SER A 88 8.78 -15.78 -10.96
CA SER A 88 8.34 -14.73 -10.04
C SER A 88 6.83 -14.40 -10.15
N ASP A 89 6.46 -13.38 -10.91
CA ASP A 89 5.05 -13.13 -11.14
C ASP A 89 4.81 -13.29 -12.65
N ARG A 90 4.07 -14.32 -13.03
CA ARG A 90 3.89 -14.70 -14.44
C ARG A 90 3.32 -13.56 -15.27
N ARG A 91 2.27 -12.92 -14.78
CA ARG A 91 1.53 -11.93 -15.54
C ARG A 91 2.39 -10.70 -15.78
N ILE A 92 3.10 -10.26 -14.75
CA ILE A 92 4.05 -9.15 -14.93
C ILE A 92 5.15 -9.49 -15.94
N MET A 93 5.75 -10.68 -15.84
CA MET A 93 6.87 -11.04 -16.73
C MET A 93 6.45 -11.27 -18.16
N MET A 94 5.25 -11.80 -18.38
CA MET A 94 4.73 -11.95 -19.73
C MET A 94 4.57 -10.57 -20.38
N ALA A 95 4.04 -9.61 -19.62
CA ALA A 95 3.90 -8.23 -20.12
C ALA A 95 5.27 -7.60 -20.40
N LEU A 96 6.22 -7.75 -19.48
CA LEU A 96 7.55 -7.19 -19.72
C LEU A 96 8.18 -7.82 -20.97
N GLN A 97 8.05 -9.13 -21.12
CA GLN A 97 8.56 -9.81 -22.34
C GLN A 97 7.92 -9.24 -23.61
N HIS A 98 6.61 -8.99 -23.57
CA HIS A 98 5.94 -8.33 -24.68
C HIS A 98 6.56 -6.96 -24.97
N VAL A 99 6.79 -6.16 -23.94
CA VAL A 99 7.45 -4.87 -24.13
C VAL A 99 8.83 -5.04 -24.79
N ALA A 100 9.63 -5.98 -24.29
CA ALA A 100 11.00 -6.21 -24.75
C ALA A 100 11.07 -6.69 -26.19
N GLN A 101 10.00 -7.33 -26.66
CA GLN A 101 9.93 -7.72 -28.05
C GLN A 101 9.72 -6.49 -28.94
N HIS A 102 9.26 -5.38 -28.34
CA HIS A 102 8.98 -4.17 -29.12
C HIS A 102 9.91 -2.99 -28.86
N LYS A 103 10.60 -3.00 -27.72
CA LYS A 103 11.53 -1.94 -27.37
C LYS A 103 12.87 -2.49 -26.90
N ASN A 104 13.92 -1.69 -27.06
CA ASN A 104 15.27 -2.02 -26.58
C ASN A 104 15.31 -1.79 -25.07
N ILE A 105 15.16 -2.86 -24.28
CA ILE A 105 15.21 -2.70 -22.84
C ILE A 105 16.64 -2.73 -22.33
N ALA A 106 17.03 -1.74 -21.51
CA ALA A 106 18.38 -1.76 -20.97
C ALA A 106 18.41 -2.73 -19.80
N PHE A 107 18.61 -4.01 -20.08
CA PHE A 107 18.56 -5.04 -19.05
C PHE A 107 19.55 -4.81 -17.90
N GLN A 108 20.76 -4.37 -18.22
CA GLN A 108 21.79 -4.10 -17.21
C GLN A 108 21.26 -3.09 -16.21
N SER A 109 20.38 -2.19 -16.64
CA SER A 109 19.78 -1.25 -15.69
C SER A 109 18.86 -1.92 -14.67
N PHE A 110 18.06 -2.87 -15.13
CA PHE A 110 17.32 -3.72 -14.20
C PHE A 110 18.26 -4.43 -13.22
N TYR A 111 19.38 -4.96 -13.71
CA TYR A 111 20.30 -5.68 -12.83
C TYR A 111 20.95 -4.77 -11.81
N ASN A 112 21.29 -3.53 -12.19
CA ASN A 112 21.81 -2.54 -11.26
C ASN A 112 20.76 -2.20 -10.21
N LEU A 113 19.51 -2.02 -10.64
CA LEU A 113 18.42 -1.80 -9.70
C LEU A 113 18.31 -2.93 -8.68
N ILE A 114 18.30 -4.17 -9.16
CA ILE A 114 18.18 -5.33 -8.28
C ILE A 114 19.33 -5.39 -7.27
N ASP A 115 20.57 -5.21 -7.74
CA ASP A 115 21.73 -5.16 -6.83
C ASP A 115 21.61 -4.09 -5.75
N THR A 116 21.09 -2.93 -6.12
CA THR A 116 20.91 -1.82 -5.20
C THR A 116 19.86 -2.16 -4.15
N VAL A 117 18.75 -2.74 -4.59
CA VAL A 117 17.73 -3.19 -3.67
C VAL A 117 18.25 -4.27 -2.71
N TYR A 118 19.00 -5.26 -3.22
CA TYR A 118 19.70 -6.27 -2.43
C TYR A 118 20.53 -5.62 -1.32
N LYS A 119 21.45 -4.75 -1.73
CA LYS A 119 22.41 -4.07 -0.86
C LYS A 119 21.72 -3.24 0.19
N ASP A 120 20.56 -2.69 -0.16
CA ASP A 120 19.82 -1.81 0.72
C ASP A 120 19.18 -2.61 1.84
N GLN A 121 19.15 -3.94 1.68
CA GLN A 121 18.52 -4.86 2.63
C GLN A 121 18.99 -4.46 4.02
N HIS A 122 20.31 -4.45 4.20
CA HIS A 122 20.95 -3.92 5.38
C HIS A 122 21.28 -2.46 5.11
N PHE A 123 20.35 -1.58 5.50
CA PHE A 123 20.54 -0.15 5.40
C PHE A 123 21.71 0.27 6.27
N THR A 124 22.91 0.34 5.68
CA THR A 124 23.93 1.17 6.30
C THR A 124 23.73 2.61 5.80
N MET A 125 23.63 3.53 6.75
CA MET A 125 23.56 4.95 6.46
C MET A 125 24.65 5.30 5.45
N PHE A 126 24.40 6.32 4.64
CA PHE A 126 25.41 6.76 3.68
C PHE A 126 26.42 7.65 4.38
N GLU A 127 27.68 7.43 4.06
CA GLU A 127 28.76 8.17 4.70
C GLU A 127 28.94 9.53 4.03
N THR A 128 28.70 9.55 2.72
CA THR A 128 29.03 10.66 1.83
C THR A 128 27.88 10.89 0.86
N ASP A 129 27.80 12.11 0.34
CA ASP A 129 26.80 12.42 -0.69
C ASP A 129 26.99 11.54 -1.93
N ALA A 130 28.24 11.18 -2.22
CA ALA A 130 28.59 10.32 -3.35
C ALA A 130 27.86 8.97 -3.27
N GLU A 131 27.80 8.42 -2.07
CA GLU A 131 27.10 7.15 -1.84
C GLU A 131 25.60 7.32 -1.88
N LEU A 132 25.09 8.40 -1.30
CA LEU A 132 23.67 8.72 -1.46
C LEU A 132 23.29 8.86 -2.93
N PHE A 133 24.08 9.61 -3.69
CA PHE A 133 23.80 9.79 -5.12
C PHE A 133 23.97 8.49 -5.90
N GLY A 134 24.92 7.66 -5.49
CA GLY A 134 25.11 6.32 -6.06
C GLY A 134 23.86 5.48 -5.89
N TYR A 135 23.26 5.57 -4.71
CA TYR A 135 21.98 4.94 -4.41
C TYR A 135 20.82 5.55 -5.22
N CYS A 136 20.78 6.88 -5.34
CA CYS A 136 19.77 7.51 -6.20
C CYS A 136 19.90 6.97 -7.61
N TYR A 137 21.12 6.81 -8.11
CA TYR A 137 21.27 6.14 -9.40
C TYR A 137 20.67 4.73 -9.39
N GLY A 138 21.09 3.89 -8.44
CA GLY A 138 20.66 2.49 -8.38
C GLY A 138 19.16 2.26 -8.31
N VAL A 139 18.43 3.10 -7.59
CA VAL A 139 17.01 2.82 -7.42
C VAL A 139 16.13 3.60 -8.36
N ALA A 140 16.68 4.61 -9.03
CA ALA A 140 15.83 5.53 -9.79
C ALA A 140 16.45 6.00 -11.11
N GLY A 141 17.75 6.31 -11.15
CA GLY A 141 18.46 6.52 -12.43
C GLY A 141 18.28 5.34 -13.37
N THR A 142 18.37 4.13 -12.82
CA THR A 142 18.22 2.87 -13.55
C THR A 142 16.83 2.81 -14.18
N VAL A 143 15.82 3.22 -13.42
CA VAL A 143 14.44 3.24 -13.90
C VAL A 143 14.28 4.23 -15.05
N GLY A 144 14.86 5.42 -14.91
CA GLY A 144 14.85 6.38 -16.03
C GLY A 144 15.49 5.78 -17.28
N GLU A 145 16.61 5.06 -17.13
CA GLU A 145 17.23 4.33 -18.23
C GLU A 145 16.31 3.29 -18.90
N VAL A 146 15.69 2.42 -18.10
CA VAL A 146 14.68 1.47 -18.57
C VAL A 146 13.57 2.17 -19.35
N LEU A 147 13.07 3.29 -18.83
CA LEU A 147 11.94 4.01 -19.45
C LEU A 147 12.32 4.80 -20.70
N THR A 148 13.61 5.06 -20.93
CA THR A 148 14.06 5.86 -22.08
C THR A 148 13.47 5.49 -23.45
N PRO A 149 13.55 4.21 -23.87
CA PRO A 149 13.02 3.89 -25.19
C PRO A 149 11.50 3.87 -25.24
N ILE A 150 10.85 3.97 -24.08
CA ILE A 150 9.40 4.10 -24.04
C ILE A 150 9.02 5.57 -24.16
N LEU A 151 9.81 6.45 -23.56
CA LEU A 151 9.43 7.86 -23.53
C LEU A 151 10.00 8.69 -24.67
N SER A 152 10.73 8.04 -25.57
CA SER A 152 11.50 8.76 -26.58
C SER A 152 11.72 7.86 -27.77
N ASP A 153 11.88 8.45 -28.96
CA ASP A 153 12.28 7.70 -30.15
C ASP A 153 13.77 7.81 -30.43
N HIS A 154 14.48 8.58 -29.61
CA HIS A 154 15.93 8.75 -29.76
C HIS A 154 16.67 7.97 -28.69
N GLU A 155 17.54 7.08 -29.11
CA GLU A 155 18.22 6.29 -28.11
C GLU A 155 19.69 6.64 -28.12
N THR A 156 19.89 7.95 -27.93
CA THR A 156 21.21 8.56 -27.90
C THR A 156 21.62 8.77 -26.44
N HIS A 157 22.94 8.90 -26.26
CA HIS A 157 23.59 9.22 -25.00
C HIS A 157 22.75 10.26 -24.26
N GLN A 158 22.46 11.38 -24.92
CA GLN A 158 21.76 12.51 -24.31
C GLN A 158 20.39 12.14 -23.74
N THR A 159 19.68 11.25 -24.43
CA THR A 159 18.33 10.90 -24.00
C THR A 159 18.39 10.09 -22.71
N TYR A 160 19.23 9.07 -22.69
CA TYR A 160 19.47 8.28 -21.48
C TYR A 160 19.98 9.11 -20.30
N ASP A 161 20.86 10.05 -20.57
CA ASP A 161 21.43 10.90 -19.53
C ASP A 161 20.37 11.81 -18.90
N VAL A 162 19.49 12.37 -19.72
CA VAL A 162 18.38 13.17 -19.21
C VAL A 162 17.41 12.30 -18.43
N ALA A 163 17.09 11.11 -18.94
CA ALA A 163 16.13 10.27 -18.26
C ALA A 163 16.68 9.80 -16.92
N ARG A 164 17.96 9.46 -16.89
CA ARG A 164 18.65 9.06 -15.67
C ARG A 164 18.60 10.17 -14.61
N ARG A 165 18.99 11.38 -14.99
CA ARG A 165 18.97 12.56 -14.13
C ARG A 165 17.56 12.88 -13.63
N LEU A 166 16.56 12.75 -14.50
CA LEU A 166 15.18 12.96 -14.07
C LEU A 166 14.80 11.97 -12.95
N GLY A 167 15.08 10.69 -13.16
CA GLY A 167 14.77 9.67 -12.14
C GLY A 167 15.50 9.94 -10.82
N GLU A 168 16.79 10.23 -10.89
CA GLU A 168 17.57 10.50 -9.67
C GLU A 168 17.08 11.73 -8.89
N SER A 169 16.66 12.77 -9.60
CA SER A 169 16.11 13.97 -9.00
C SER A 169 14.74 13.72 -8.37
N LEU A 170 13.89 12.96 -9.06
CA LEU A 170 12.64 12.45 -8.48
C LEU A 170 12.89 11.65 -7.20
N GLN A 171 13.92 10.82 -7.20
CA GLN A 171 14.32 10.13 -5.98
C GLN A 171 14.69 11.10 -4.87
N LEU A 172 15.40 12.18 -5.22
CA LEU A 172 15.76 13.16 -4.21
C LEU A 172 14.56 13.91 -3.63
N ILE A 173 13.54 14.17 -4.45
CA ILE A 173 12.30 14.84 -4.02
C ILE A 173 11.56 13.94 -3.06
N ASN A 174 11.52 12.66 -3.41
CA ASN A 174 10.93 11.61 -2.58
C ASN A 174 11.57 11.58 -1.19
N ILE A 175 12.89 11.58 -1.14
CA ILE A 175 13.67 11.70 0.10
C ILE A 175 13.27 12.95 0.88
N LEU A 176 13.20 14.09 0.19
CA LEU A 176 12.92 15.36 0.87
C LEU A 176 11.51 15.44 1.46
N ARG A 177 10.58 14.71 0.84
CA ARG A 177 9.19 14.66 1.28
C ARG A 177 8.99 13.68 2.44
N ASP A 178 9.76 12.61 2.46
CA ASP A 178 9.45 11.51 3.35
C ASP A 178 10.37 11.34 4.57
N VAL A 179 11.15 12.37 4.91
CA VAL A 179 12.17 12.17 5.95
C VAL A 179 11.61 11.64 7.27
N GLY A 180 10.48 12.18 7.73
CA GLY A 180 9.84 11.73 8.97
C GLY A 180 9.41 10.28 8.87
N GLU A 181 8.59 10.00 7.85
CA GLU A 181 8.14 8.65 7.55
C GLU A 181 9.28 7.66 7.43
N ASP A 182 10.35 8.06 6.74
CA ASP A 182 11.54 7.22 6.60
C ASP A 182 12.19 7.00 7.96
N PHE A 183 12.22 8.03 8.80
CA PHE A 183 12.86 7.88 10.11
C PHE A 183 12.17 6.82 10.97
N GLU A 184 10.84 6.84 10.97
CA GLU A 184 10.01 5.84 11.64
C GLU A 184 10.33 4.42 11.21
N ASN A 185 10.75 4.28 9.96
CA ASN A 185 11.08 3.00 9.34
C ASN A 185 12.58 2.70 9.40
N GLU A 186 13.24 3.30 10.37
CA GLU A 186 14.69 3.18 10.59
C GLU A 186 15.54 3.55 9.38
N ARG A 187 15.06 4.52 8.60
CA ARG A 187 15.84 4.99 7.45
C ARG A 187 16.10 6.49 7.46
N ILE A 188 17.37 6.83 7.29
CA ILE A 188 17.81 8.20 7.10
C ILE A 188 18.64 8.16 5.82
N TYR A 189 18.32 9.03 4.86
CA TYR A 189 19.02 9.05 3.58
C TYR A 189 20.03 10.19 3.45
N PHE A 190 19.85 11.26 4.22
CA PHE A 190 20.88 12.30 4.27
C PHE A 190 22.21 11.66 4.69
N SER A 191 23.31 12.11 4.08
CA SER A 191 24.62 11.51 4.37
C SER A 191 25.16 11.88 5.75
N LYS A 192 26.00 11.02 6.30
CA LYS A 192 26.61 11.27 7.59
C LYS A 192 27.53 12.48 7.51
N GLN A 193 28.24 12.61 6.38
CA GLN A 193 29.08 13.78 6.15
C GLN A 193 28.26 15.07 6.19
N ARG A 194 27.09 15.07 5.55
CA ARG A 194 26.26 16.27 5.49
C ARG A 194 25.49 16.54 6.79
N LEU A 195 24.93 15.51 7.43
CA LEU A 195 24.32 15.69 8.76
C LEU A 195 25.32 16.24 9.77
N LYS A 196 26.58 15.81 9.64
CA LYS A 196 27.64 16.26 10.56
C LYS A 196 28.03 17.71 10.32
N GLN A 197 28.17 18.10 9.06
CA GLN A 197 28.46 19.48 8.65
C GLN A 197 27.40 20.45 9.15
N TYR A 198 26.13 20.11 8.99
CA TYR A 198 25.02 21.00 9.35
C TYR A 198 24.52 20.86 10.79
N GLU A 199 25.19 20.00 11.57
CA GLU A 199 24.84 19.75 12.96
C GLU A 199 23.40 19.26 13.17
N VAL A 200 22.99 18.29 12.36
CA VAL A 200 21.62 17.77 12.43
C VAL A 200 21.62 16.34 12.91
N ASP A 201 20.82 16.10 13.95
CA ASP A 201 20.47 14.75 14.34
C ASP A 201 18.99 14.53 14.06
N ILE A 202 18.69 13.62 13.13
CA ILE A 202 17.33 13.39 12.70
C ILE A 202 16.40 12.96 13.83
N ALA A 203 16.85 12.05 14.69
CA ALA A 203 16.01 11.59 15.79
C ALA A 203 15.68 12.76 16.71
N GLU A 204 16.68 13.63 16.90
CA GLU A 204 16.55 14.78 17.79
C GLU A 204 15.51 15.73 17.23
N VAL A 205 15.57 15.92 15.91
CA VAL A 205 14.67 16.81 15.20
C VAL A 205 13.27 16.20 15.18
N TYR A 206 13.19 14.89 14.91
CA TYR A 206 11.93 14.17 14.98
C TYR A 206 11.25 14.40 16.33
N GLN A 207 12.01 14.37 17.41
CA GLN A 207 11.45 14.61 18.74
C GLN A 207 11.14 16.09 19.00
N ASN A 208 12.06 16.99 18.64
CA ASN A 208 11.98 18.37 19.16
C ASN A 208 11.49 19.45 18.20
N GLY A 209 11.09 19.03 16.99
CA GLY A 209 10.62 19.97 15.99
C GLY A 209 11.71 20.40 15.01
N VAL A 210 11.31 21.04 13.93
CA VAL A 210 12.25 21.56 12.95
C VAL A 210 13.08 22.73 13.52
N ASN A 211 14.40 22.67 13.40
CA ASN A 211 15.23 23.82 13.74
C ASN A 211 15.98 24.39 12.53
N ASN A 212 16.78 25.43 12.77
CA ASN A 212 17.43 26.13 11.66
C ASN A 212 18.54 25.33 10.98
N HIS A 213 19.29 24.57 11.78
CA HIS A 213 20.29 23.67 11.22
C HIS A 213 19.63 22.66 10.28
N TYR A 214 18.44 22.19 10.63
CA TYR A 214 17.70 21.23 9.82
C TYR A 214 17.13 21.81 8.51
N ILE A 215 16.48 22.98 8.62
CA ILE A 215 16.02 23.71 7.44
C ILE A 215 17.18 23.92 6.46
N ASP A 216 18.35 24.30 6.97
CA ASP A 216 19.51 24.54 6.13
C ASP A 216 19.96 23.27 5.40
N LEU A 217 20.06 22.17 6.15
CA LEU A 217 20.40 20.88 5.56
C LEU A 217 19.37 20.47 4.49
N TRP A 218 18.10 20.61 4.83
CA TRP A 218 17.03 20.23 3.92
C TRP A 218 17.13 21.04 2.63
N GLU A 219 17.33 22.35 2.76
CA GLU A 219 17.41 23.26 1.62
C GLU A 219 18.69 23.09 0.80
N TYR A 220 19.77 22.63 1.43
CA TYR A 220 20.97 22.26 0.67
C TYR A 220 20.63 21.19 -0.37
N TYR A 221 19.92 20.14 0.05
CA TYR A 221 19.56 19.05 -0.87
C TYR A 221 18.45 19.45 -1.84
N ALA A 222 17.50 20.26 -1.39
CA ALA A 222 16.44 20.81 -2.27
C ALA A 222 16.99 21.66 -3.40
N ALA A 223 18.01 22.47 -3.12
CA ALA A 223 18.66 23.26 -4.17
C ALA A 223 19.31 22.37 -5.24
N ILE A 224 19.89 21.25 -4.83
CA ILE A 224 20.46 20.30 -5.79
C ILE A 224 19.37 19.72 -6.69
N ALA A 225 18.27 19.30 -6.05
CA ALA A 225 17.10 18.81 -6.77
C ALA A 225 16.57 19.83 -7.80
N GLU A 226 16.40 21.08 -7.38
CA GLU A 226 15.84 22.13 -8.22
C GLU A 226 16.70 22.47 -9.46
N LYS A 227 18.02 22.55 -9.27
CA LYS A 227 18.96 22.77 -10.36
C LYS A 227 18.91 21.61 -11.36
N ASP A 228 18.78 20.40 -10.85
CA ASP A 228 18.76 19.22 -11.70
C ASP A 228 17.50 19.18 -12.57
N PHE A 229 16.36 19.55 -11.97
CA PHE A 229 15.12 19.67 -12.73
C PHE A 229 15.20 20.76 -13.81
N ARG A 230 15.77 21.92 -13.50
CA ARG A 230 15.92 22.98 -14.51
C ARG A 230 16.68 22.48 -15.73
N ASP A 231 17.76 21.73 -15.49
CA ASP A 231 18.55 21.11 -16.56
C ASP A 231 17.76 20.08 -17.37
N VAL A 232 17.02 19.21 -16.70
CA VAL A 232 16.10 18.31 -17.39
C VAL A 232 15.13 19.11 -18.26
N MET A 233 14.58 20.19 -17.72
CA MET A 233 13.62 21.00 -18.47
C MET A 233 14.27 21.66 -19.68
N ASP A 234 15.49 22.14 -19.51
CA ASP A 234 16.29 22.65 -20.61
C ASP A 234 16.35 21.67 -21.78
N GLN A 235 16.33 20.38 -21.48
CA GLN A 235 16.48 19.33 -22.50
C GLN A 235 15.21 18.51 -22.75
N ILE A 236 14.05 19.11 -22.51
CA ILE A 236 12.76 18.41 -22.62
C ILE A 236 12.55 17.73 -23.98
N LYS A 237 13.10 18.33 -25.03
CA LYS A 237 12.86 17.90 -26.41
C LYS A 237 13.49 16.56 -26.81
N VAL A 238 14.36 15.99 -25.98
CA VAL A 238 14.89 14.66 -26.26
C VAL A 238 13.77 13.61 -26.13
N PHE A 239 12.73 13.95 -25.38
CA PHE A 239 11.58 13.05 -25.27
C PHE A 239 10.59 13.22 -26.43
N SER A 240 9.78 12.19 -26.66
CA SER A 240 8.77 12.18 -27.72
C SER A 240 7.76 13.29 -27.45
N ILE A 241 7.14 13.79 -28.51
CA ILE A 241 6.21 14.90 -28.36
C ILE A 241 5.08 14.62 -27.38
N GLU A 242 4.56 13.39 -27.34
CA GLU A 242 3.50 13.09 -26.38
C GLU A 242 3.98 12.96 -24.94
N ALA A 243 5.23 12.55 -24.74
CA ALA A 243 5.77 12.42 -23.38
C ALA A 243 6.19 13.76 -22.81
N GLN A 244 6.60 14.68 -23.68
CA GLN A 244 7.13 15.94 -23.19
C GLN A 244 6.21 16.62 -22.16
N PRO A 245 4.91 16.81 -22.48
CA PRO A 245 4.04 17.45 -21.50
C PRO A 245 3.96 16.68 -20.17
N ILE A 246 4.02 15.35 -20.24
CA ILE A 246 3.92 14.50 -19.06
C ILE A 246 5.19 14.60 -18.22
N ILE A 247 6.34 14.68 -18.89
CA ILE A 247 7.61 14.85 -18.20
C ILE A 247 7.70 16.25 -17.56
N GLU A 248 7.14 17.24 -18.24
CA GLU A 248 7.08 18.60 -17.71
C GLU A 248 6.23 18.67 -16.44
N LEU A 249 5.06 18.03 -16.46
CA LEU A 249 4.22 17.91 -15.28
C LEU A 249 4.95 17.27 -14.11
N ALA A 250 5.80 16.27 -14.38
CA ALA A 250 6.55 15.58 -13.34
C ALA A 250 7.55 16.48 -12.63
N ALA A 251 8.36 17.19 -13.43
CA ALA A 251 9.21 18.25 -12.92
C ALA A 251 8.43 19.29 -12.11
N ARG A 252 7.28 19.71 -12.62
CA ARG A 252 6.46 20.70 -11.95
C ARG A 252 5.88 20.22 -10.62
N ILE A 253 5.31 19.03 -10.60
CA ILE A 253 4.78 18.47 -9.37
C ILE A 253 5.89 18.30 -8.31
N ALA A 254 7.06 17.85 -8.77
CA ALA A 254 8.25 17.74 -7.92
C ALA A 254 8.55 19.04 -7.18
N ILE A 255 8.50 20.15 -7.91
CA ILE A 255 8.78 21.47 -7.33
C ILE A 255 7.65 21.88 -6.38
N GLU A 256 6.43 21.49 -6.75
CA GLU A 256 5.24 21.75 -5.94
C GLU A 256 5.32 21.02 -4.60
N ILE A 257 5.88 19.81 -4.60
CA ILE A 257 6.08 19.03 -3.38
C ILE A 257 7.09 19.74 -2.47
N LEU A 258 8.14 20.31 -3.05
CA LEU A 258 9.13 21.03 -2.26
C LEU A 258 8.51 22.27 -1.59
N ASP A 259 7.60 22.93 -2.29
CA ASP A 259 6.93 24.11 -1.72
C ASP A 259 5.90 23.73 -0.66
N GLU A 260 5.22 22.60 -0.83
CA GLU A 260 4.32 22.09 0.21
C GLU A 260 5.09 21.75 1.48
N VAL A 261 6.21 21.04 1.37
CA VAL A 261 7.05 20.77 2.53
C VAL A 261 7.41 22.10 3.22
N ARG A 262 7.88 23.06 2.44
CA ARG A 262 8.25 24.39 2.95
C ARG A 262 7.07 25.10 3.60
N GLN A 263 5.91 25.08 2.94
CA GLN A 263 4.68 25.64 3.50
C GLN A 263 4.32 24.96 4.83
N ALA A 264 4.53 23.66 4.92
CA ALA A 264 4.26 22.94 6.17
C ALA A 264 5.42 23.04 7.17
N ASN A 265 6.25 24.07 7.00
CA ASN A 265 7.45 24.26 7.83
C ASN A 265 8.29 23.00 8.01
N TYR A 266 8.50 22.25 6.93
CA TYR A 266 9.46 21.16 6.91
C TYR A 266 9.10 20.01 7.87
N THR A 267 7.81 19.84 8.13
CA THR A 267 7.35 18.89 9.13
C THR A 267 7.82 17.46 8.90
N LEU A 268 8.19 16.79 10.00
CA LEU A 268 8.53 15.37 9.98
C LEU A 268 7.35 14.51 10.43
N HIS A 269 6.18 15.14 10.62
CA HIS A 269 5.03 14.41 11.14
C HIS A 269 3.77 14.28 10.26
N GLU A 270 3.87 14.67 8.99
CA GLU A 270 2.85 14.33 8.00
C GLU A 270 3.42 14.22 6.58
N ARG A 271 2.79 13.37 5.77
CA ARG A 271 3.15 13.29 4.37
C ARG A 271 2.40 14.36 3.57
N VAL A 272 3.12 15.40 3.18
CA VAL A 272 2.57 16.40 2.26
C VAL A 272 2.28 15.73 0.92
N PHE A 273 1.24 16.20 0.25
CA PHE A 273 0.87 15.65 -1.07
C PHE A 273 0.18 16.71 -1.89
N VAL A 274 0.33 16.63 -3.20
CA VAL A 274 -0.30 17.57 -4.11
C VAL A 274 -1.67 17.02 -4.52
N GLU A 275 -2.73 17.76 -4.24
CA GLU A 275 -4.08 17.30 -4.54
C GLU A 275 -4.22 16.95 -6.02
N LYS A 276 -4.99 15.92 -6.33
CA LYS A 276 -5.26 15.53 -7.70
C LYS A 276 -5.82 16.70 -8.54
N ARG A 277 -6.78 17.44 -7.97
CA ARG A 277 -7.32 18.65 -8.61
C ARG A 277 -6.24 19.70 -8.92
N LYS A 278 -5.27 19.87 -8.03
CA LYS A 278 -4.18 20.81 -8.28
C LYS A 278 -3.23 20.31 -9.39
N LYS A 279 -2.98 19.01 -9.41
CA LYS A 279 -2.24 18.38 -10.51
C LYS A 279 -2.90 18.67 -11.86
N ALA A 280 -4.23 18.59 -11.89
CA ALA A 280 -4.95 18.89 -13.12
C ALA A 280 -4.74 20.36 -13.51
N LYS A 281 -4.72 21.25 -12.51
CA LYS A 281 -4.54 22.67 -12.75
C LYS A 281 -3.16 22.95 -13.32
N LEU A 282 -2.16 22.31 -12.74
CA LEU A 282 -0.80 22.39 -13.25
C LEU A 282 -0.66 21.81 -14.67
N PHE A 283 -1.27 20.66 -14.94
CA PHE A 283 -1.21 20.10 -16.29
C PHE A 283 -1.87 21.01 -17.32
N HIS A 284 -3.02 21.57 -16.96
CA HIS A 284 -3.73 22.45 -17.90
C HIS A 284 -2.83 23.61 -18.28
N GLU A 285 -2.25 24.27 -17.28
CA GLU A 285 -1.30 25.36 -17.45
C GLU A 285 -0.19 24.94 -18.42
N ILE A 286 0.39 23.78 -18.17
CA ILE A 286 1.50 23.29 -18.97
C ILE A 286 1.17 23.00 -20.43
N ASN A 287 0.16 22.20 -20.72
CA ASN A 287 0.04 21.76 -22.11
C ASN A 287 -0.78 22.64 -23.05
N SER A 288 -1.17 23.81 -22.55
CA SER A 288 -1.68 24.89 -23.40
C SER A 288 -0.52 25.46 -24.21
N LYS A 289 0.69 25.29 -23.69
CA LYS A 289 1.92 25.69 -24.38
C LYS A 289 2.30 24.73 -25.51
N TYR A 290 1.67 23.55 -25.55
CA TYR A 290 1.97 22.54 -26.56
C TYR A 290 0.97 22.53 -27.71
N MET B 7 17.34 -4.72 22.03
CA MET B 7 16.08 -5.53 21.95
C MET B 7 16.39 -7.01 21.74
N THR B 8 15.42 -7.86 22.06
CA THR B 8 15.57 -9.30 21.96
C THR B 8 15.09 -9.79 20.59
N MET B 9 15.21 -11.10 20.41
CA MET B 9 14.80 -11.80 19.21
C MET B 9 13.30 -11.57 19.04
N MET B 10 12.54 -11.91 20.07
CA MET B 10 11.08 -11.78 20.03
C MET B 10 10.65 -10.34 19.74
N ASP B 11 11.30 -9.37 20.37
CA ASP B 11 11.08 -7.96 20.05
C ASP B 11 11.16 -7.67 18.54
N MET B 12 12.19 -8.21 17.90
CA MET B 12 12.40 -8.05 16.47
C MET B 12 11.27 -8.64 15.66
N ASN B 13 10.82 -9.84 16.02
CA ASN B 13 9.66 -10.47 15.37
C ASN B 13 8.43 -9.57 15.46
N PHE B 14 8.16 -9.04 16.65
CA PHE B 14 7.03 -8.14 16.81
C PHE B 14 7.19 -6.83 16.04
N LYS B 15 8.42 -6.31 16.01
CA LYS B 15 8.72 -5.10 15.26
C LYS B 15 8.45 -5.28 13.78
N TYR B 16 8.81 -6.45 13.26
CA TYR B 16 8.49 -6.80 11.89
C TYR B 16 6.98 -6.83 11.65
N CYS B 17 6.22 -7.43 12.55
CA CYS B 17 4.76 -7.42 12.41
C CYS B 17 4.24 -5.98 12.39
N HIS B 18 4.80 -5.14 13.26
CA HIS B 18 4.44 -3.73 13.28
C HIS B 18 4.66 -3.10 11.89
N LYS B 19 5.85 -3.31 11.35
CA LYS B 19 6.25 -2.84 10.02
C LYS B 19 5.20 -3.22 8.96
N ILE B 20 4.83 -4.50 8.91
CA ILE B 20 3.79 -4.96 7.99
C ILE B 20 2.53 -4.14 8.18
N MET B 21 2.13 -3.92 9.43
CA MET B 21 0.95 -3.14 9.75
C MET B 21 1.10 -1.70 9.27
N LYS B 22 2.28 -1.13 9.47
CA LYS B 22 2.59 0.21 8.98
C LYS B 22 2.64 0.30 7.46
N LYS B 23 3.20 -0.72 6.81
CA LYS B 23 3.36 -0.75 5.35
C LYS B 23 2.02 -0.72 4.61
N HIS B 24 1.02 -1.43 5.14
CA HIS B 24 -0.26 -1.64 4.46
C HIS B 24 -1.43 -0.86 5.05
N SER B 25 -1.45 -0.75 6.38
CA SER B 25 -2.64 -0.28 7.09
C SER B 25 -2.74 1.23 7.11
N LYS B 26 -3.61 1.77 6.26
CA LYS B 26 -3.82 3.22 6.21
C LYS B 26 -4.90 3.70 7.17
N SER B 27 -5.70 2.79 7.75
CA SER B 27 -6.72 3.24 8.70
C SER B 27 -6.77 2.52 10.05
N PHE B 28 -6.44 1.23 10.09
CA PHE B 28 -6.40 0.51 11.36
C PHE B 28 -5.27 0.96 12.29
N SER B 29 -4.11 1.26 11.70
CA SER B 29 -2.88 1.50 12.46
C SER B 29 -2.99 2.65 13.44
N TYR B 30 -3.70 3.71 13.03
CA TYR B 30 -3.90 4.86 13.91
C TYR B 30 -4.57 4.43 15.22
N ALA B 31 -5.58 3.57 15.11
CA ALA B 31 -6.41 3.18 16.24
C ALA B 31 -5.71 2.20 17.19
N PHE B 32 -5.25 1.08 16.66
CA PHE B 32 -4.77 -0.01 17.52
C PHE B 32 -3.43 0.33 18.19
N ASP B 33 -2.69 1.27 17.61
CA ASP B 33 -1.50 1.83 18.23
C ASP B 33 -1.80 2.77 19.42
N LEU B 34 -3.06 3.10 19.67
CA LEU B 34 -3.43 3.82 20.90
C LEU B 34 -3.59 2.86 22.08
N LEU B 35 -3.58 1.56 21.82
CA LEU B 35 -3.66 0.51 22.86
C LEU B 35 -2.39 0.41 23.70
N PRO B 36 -2.50 -0.13 24.93
CA PRO B 36 -1.31 -0.44 25.72
C PRO B 36 -0.40 -1.44 25.00
N GLU B 37 0.88 -1.47 25.40
CA GLU B 37 1.93 -2.21 24.69
C GLU B 37 1.63 -3.69 24.43
N ASP B 38 1.27 -4.44 25.46
CA ASP B 38 1.05 -5.89 25.33
C ASP B 38 -0.09 -6.23 24.38
N GLN B 39 -1.11 -5.38 24.39
CA GLN B 39 -2.25 -5.52 23.50
C GLN B 39 -1.90 -5.12 22.08
N ARG B 40 -1.14 -4.03 21.96
CA ARG B 40 -0.59 -3.52 20.70
C ARG B 40 0.18 -4.64 20.01
N LYS B 41 1.19 -5.17 20.70
CA LYS B 41 2.02 -6.27 20.18
C LYS B 41 1.19 -7.44 19.65
N ALA B 42 0.21 -7.91 20.42
CA ALA B 42 -0.57 -9.05 19.99
C ALA B 42 -1.40 -8.71 18.75
N VAL B 43 -1.91 -7.49 18.68
CA VAL B 43 -2.67 -7.00 17.52
C VAL B 43 -1.80 -6.92 16.28
N TRP B 44 -0.56 -6.43 16.41
CA TRP B 44 0.38 -6.42 15.28
C TRP B 44 0.53 -7.80 14.64
N ALA B 45 0.77 -8.82 15.46
CA ALA B 45 0.93 -10.20 14.99
C ALA B 45 -0.35 -10.71 14.34
N ILE B 46 -1.51 -10.48 14.96
CA ILE B 46 -2.76 -10.95 14.37
C ILE B 46 -2.92 -10.27 13.03
N TYR B 47 -2.71 -8.96 13.00
CA TYR B 47 -2.82 -8.18 11.76
C TYR B 47 -1.89 -8.74 10.68
N ALA B 48 -0.65 -9.03 11.06
CA ALA B 48 0.31 -9.56 10.11
C ALA B 48 -0.14 -10.92 9.57
N VAL B 49 -0.58 -11.84 10.44
CA VAL B 49 -1.01 -13.13 9.91
C VAL B 49 -2.20 -12.99 8.97
N CYS B 50 -3.18 -12.17 9.34
CA CYS B 50 -4.40 -12.07 8.54
C CYS B 50 -4.13 -11.36 7.20
N ARG B 51 -3.20 -10.42 7.20
CA ARG B 51 -2.84 -9.66 5.99
C ARG B 51 -2.12 -10.57 5.00
N LYS B 52 -1.24 -11.41 5.51
CA LYS B 52 -0.57 -12.43 4.73
C LYS B 52 -1.58 -13.41 4.14
N ILE B 53 -2.54 -13.85 4.95
CA ILE B 53 -3.62 -14.73 4.49
C ILE B 53 -4.40 -14.09 3.35
N ASP B 54 -4.80 -12.82 3.53
CA ASP B 54 -5.59 -12.13 2.52
C ASP B 54 -4.82 -11.91 1.22
N ASP B 55 -3.55 -11.56 1.34
CA ASP B 55 -2.70 -11.26 0.20
C ASP B 55 -2.28 -12.50 -0.60
N SER B 56 -2.10 -13.63 0.11
CA SER B 56 -1.43 -14.82 -0.44
C SER B 56 -1.77 -15.13 -1.89
N ILE B 57 -3.06 -15.01 -2.19
CA ILE B 57 -3.62 -15.32 -3.50
C ILE B 57 -4.05 -14.07 -4.27
N ASP B 58 -4.62 -13.08 -3.59
CA ASP B 58 -5.05 -11.84 -4.23
C ASP B 58 -3.88 -11.15 -4.92
N VAL B 59 -2.81 -10.89 -4.19
CA VAL B 59 -1.70 -10.13 -4.76
C VAL B 59 -0.43 -10.93 -4.99
N TYR B 60 -0.22 -11.97 -4.20
CA TYR B 60 0.95 -12.84 -4.34
C TYR B 60 0.65 -14.13 -5.12
N GLY B 61 -0.64 -14.35 -5.39
CA GLY B 61 -1.12 -15.48 -6.18
C GLY B 61 -0.48 -16.82 -5.89
N ASP B 62 -0.74 -17.36 -4.70
CA ASP B 62 -0.04 -18.55 -4.23
C ASP B 62 -0.91 -19.37 -3.27
N ILE B 63 -1.62 -20.37 -3.81
CA ILE B 63 -2.38 -21.29 -2.94
C ILE B 63 -1.50 -22.15 -2.04
N GLN B 64 -0.29 -22.42 -2.50
CA GLN B 64 0.68 -23.21 -1.73
C GLN B 64 1.07 -22.47 -0.46
N PHE B 65 1.37 -21.18 -0.61
CA PHE B 65 1.69 -20.28 0.49
C PHE B 65 0.57 -20.23 1.51
N LEU B 66 -0.67 -20.12 1.04
CA LEU B 66 -1.82 -20.14 1.93
C LEU B 66 -1.89 -21.45 2.71
N ASN B 67 -1.63 -22.55 2.00
CA ASN B 67 -1.53 -23.88 2.62
C ASN B 67 -0.43 -23.94 3.70
N GLN B 68 0.74 -23.37 3.41
CA GLN B 68 1.82 -23.27 4.39
C GLN B 68 1.43 -22.41 5.61
N ILE B 69 0.75 -21.29 5.37
CA ILE B 69 0.27 -20.47 6.50
C ILE B 69 -0.61 -21.35 7.38
N LYS B 70 -1.57 -22.05 6.78
CA LYS B 70 -2.47 -22.89 7.55
C LYS B 70 -1.73 -23.90 8.41
N GLU B 71 -0.74 -24.56 7.82
CA GLU B 71 0.01 -25.60 8.53
C GLU B 71 0.84 -25.02 9.66
N ASP B 72 1.41 -23.83 9.44
CA ASP B 72 2.09 -23.10 10.51
C ASP B 72 1.18 -22.83 11.70
N ILE B 73 -0.07 -22.44 11.43
CA ILE B 73 -1.05 -22.20 12.50
C ILE B 73 -1.45 -23.53 13.18
N GLN B 74 -1.67 -24.57 12.39
CA GLN B 74 -1.85 -25.92 12.93
C GLN B 74 -0.64 -26.39 13.76
N SER B 75 0.58 -26.20 13.26
CA SER B 75 1.79 -26.43 14.06
C SER B 75 1.74 -25.73 15.43
N ILE B 76 1.26 -24.48 15.45
CA ILE B 76 1.18 -23.70 16.69
C ILE B 76 0.10 -24.21 17.66
N GLU B 77 -1.07 -24.55 17.12
CA GLU B 77 -2.16 -25.10 17.91
C GLU B 77 -1.81 -26.43 18.60
N LYS B 78 -1.30 -27.38 17.83
CA LYS B 78 -0.92 -28.68 18.41
C LYS B 78 0.29 -28.63 19.36
N TYR B 79 1.33 -27.89 18.98
CA TYR B 79 2.58 -27.85 19.74
C TYR B 79 2.97 -26.41 20.10
N PRO B 80 2.22 -25.78 21.01
CA PRO B 80 2.44 -24.34 21.23
C PRO B 80 3.84 -23.99 21.76
N TYR B 81 4.51 -24.95 22.39
CA TYR B 81 5.81 -24.70 23.02
C TYR B 81 7.00 -25.28 22.27
N GLU B 82 6.80 -25.78 21.06
CA GLU B 82 7.94 -26.36 20.35
C GLU B 82 8.53 -25.37 19.35
N TYR B 83 9.78 -25.61 19.01
CA TYR B 83 10.47 -24.82 18.01
C TYR B 83 10.07 -25.28 16.62
N HIS B 84 9.35 -24.44 15.89
CA HIS B 84 8.95 -24.80 14.52
C HIS B 84 9.80 -24.05 13.52
N HIS B 85 10.25 -24.78 12.50
CA HIS B 85 10.78 -24.18 11.28
C HIS B 85 9.54 -23.86 10.46
N PHE B 86 9.06 -22.64 10.58
CA PHE B 86 7.84 -22.27 9.89
C PHE B 86 8.02 -22.27 8.38
N GLN B 87 6.97 -22.68 7.67
CA GLN B 87 7.01 -22.80 6.22
C GLN B 87 6.70 -21.46 5.55
N SER B 88 5.88 -20.62 6.20
CA SER B 88 5.39 -19.40 5.57
C SER B 88 6.29 -18.22 5.95
N ASP B 89 5.82 -17.30 6.79
CA ASP B 89 6.65 -16.20 7.26
C ASP B 89 7.10 -16.43 8.70
N ARG B 90 8.37 -16.75 8.88
CA ARG B 90 8.99 -17.07 10.17
C ARG B 90 8.72 -16.06 11.29
N ARG B 91 8.85 -14.77 10.98
CA ARG B 91 8.84 -13.72 11.97
C ARG B 91 7.40 -13.52 12.43
N ILE B 92 6.48 -13.70 11.49
CA ILE B 92 5.06 -13.56 11.82
C ILE B 92 4.62 -14.73 12.70
N MET B 93 4.97 -15.95 12.32
CA MET B 93 4.49 -17.14 13.02
C MET B 93 5.07 -17.30 14.41
N MET B 94 6.30 -16.84 14.60
CA MET B 94 6.90 -16.80 15.93
C MET B 94 6.20 -15.82 16.88
N ALA B 95 5.89 -14.63 16.37
CA ALA B 95 5.13 -13.67 17.15
C ALA B 95 3.75 -14.25 17.51
N LEU B 96 3.08 -14.85 16.53
CA LEU B 96 1.75 -15.41 16.79
C LEU B 96 1.84 -16.55 17.82
N GLN B 97 2.91 -17.34 17.70
CA GLN B 97 3.13 -18.41 18.65
C GLN B 97 3.34 -17.84 20.07
N HIS B 98 4.10 -16.75 20.19
CA HIS B 98 4.25 -16.11 21.50
C HIS B 98 2.90 -15.63 22.06
N VAL B 99 2.10 -14.96 21.23
CA VAL B 99 0.75 -14.63 21.64
C VAL B 99 -0.06 -15.86 22.09
N ALA B 100 0.00 -16.94 21.30
CA ALA B 100 -0.83 -18.12 21.62
C ALA B 100 -0.44 -18.72 22.97
N GLN B 101 0.79 -18.48 23.40
CA GLN B 101 1.23 -18.99 24.67
C GLN B 101 0.65 -18.22 25.86
N HIS B 102 0.04 -17.07 25.61
CA HIS B 102 -0.49 -16.24 26.69
C HIS B 102 -2.00 -16.03 26.59
N LYS B 103 -2.57 -16.28 25.41
CA LYS B 103 -3.99 -16.06 25.16
C LYS B 103 -4.63 -17.31 24.58
N ASN B 104 -5.90 -17.55 24.93
CA ASN B 104 -6.62 -18.67 24.34
C ASN B 104 -7.07 -18.29 22.94
N ILE B 105 -6.27 -18.60 21.91
CA ILE B 105 -6.61 -18.22 20.53
C ILE B 105 -7.69 -19.16 19.97
N ALA B 106 -8.66 -18.59 19.27
CA ALA B 106 -9.67 -19.46 18.65
C ALA B 106 -9.14 -19.86 17.29
N PHE B 107 -8.41 -20.96 17.27
CA PHE B 107 -7.81 -21.45 16.05
C PHE B 107 -8.85 -21.76 14.98
N GLN B 108 -10.01 -22.27 15.36
CA GLN B 108 -11.05 -22.55 14.38
C GLN B 108 -11.47 -21.30 13.60
N SER B 109 -11.35 -20.12 14.19
CA SER B 109 -11.68 -18.88 13.49
C SER B 109 -10.66 -18.55 12.41
N PHE B 110 -9.38 -18.79 12.71
CA PHE B 110 -8.35 -18.77 11.68
C PHE B 110 -8.67 -19.74 10.55
N TYR B 111 -9.01 -21.00 10.83
CA TYR B 111 -9.34 -21.93 9.75
C TYR B 111 -10.57 -21.52 8.94
N ASN B 112 -11.56 -20.94 9.61
CA ASN B 112 -12.73 -20.42 8.91
C ASN B 112 -12.33 -19.28 7.99
N LEU B 113 -11.46 -18.39 8.47
CA LEU B 113 -10.94 -17.30 7.64
C LEU B 113 -10.20 -17.90 6.43
N ILE B 114 -9.28 -18.82 6.68
CA ILE B 114 -8.53 -19.39 5.56
C ILE B 114 -9.45 -20.03 4.52
N ASP B 115 -10.47 -20.76 4.99
CA ASP B 115 -11.42 -21.41 4.09
C ASP B 115 -12.21 -20.39 3.28
N THR B 116 -12.53 -19.26 3.92
CA THR B 116 -13.14 -18.15 3.21
C THR B 116 -12.21 -17.57 2.15
N VAL B 117 -10.95 -17.33 2.50
CA VAL B 117 -10.00 -16.76 1.55
C VAL B 117 -9.74 -17.70 0.35
N TYR B 118 -9.70 -19.02 0.58
CA TYR B 118 -9.69 -20.01 -0.50
C TYR B 118 -10.80 -19.76 -1.52
N LYS B 119 -12.00 -19.41 -1.04
CA LYS B 119 -13.18 -19.26 -1.89
C LYS B 119 -13.15 -18.05 -2.81
N ASP B 120 -12.39 -17.01 -2.48
CA ASP B 120 -12.29 -15.83 -3.34
C ASP B 120 -11.54 -16.09 -4.64
N GLN B 121 -10.56 -16.99 -4.58
CA GLN B 121 -10.11 -17.69 -5.78
C GLN B 121 -11.43 -18.28 -6.26
N HIS B 122 -11.73 -18.21 -7.55
CA HIS B 122 -13.05 -18.59 -8.07
C HIS B 122 -14.24 -17.79 -7.53
N PHE B 123 -14.04 -16.49 -7.30
CA PHE B 123 -15.10 -15.60 -6.82
C PHE B 123 -16.41 -15.64 -7.59
N THR B 124 -17.50 -15.82 -6.85
CA THR B 124 -18.83 -15.80 -7.43
C THR B 124 -19.74 -14.81 -6.68
N MET B 125 -20.48 -14.00 -7.42
CA MET B 125 -21.39 -13.03 -6.82
C MET B 125 -22.38 -13.68 -5.86
N PHE B 126 -22.74 -12.99 -4.79
CA PHE B 126 -23.64 -13.54 -3.78
C PHE B 126 -25.09 -13.47 -4.25
N GLU B 127 -25.82 -14.58 -4.10
CA GLU B 127 -27.24 -14.64 -4.50
C GLU B 127 -28.08 -13.79 -3.58
N THR B 128 -27.86 -13.95 -2.28
CA THR B 128 -28.65 -13.28 -1.25
C THR B 128 -27.76 -12.56 -0.25
N ASP B 129 -28.38 -11.67 0.51
CA ASP B 129 -27.72 -10.96 1.60
C ASP B 129 -27.17 -11.95 2.63
N ALA B 130 -27.94 -13.01 2.89
CA ALA B 130 -27.51 -14.07 3.79
C ALA B 130 -26.13 -14.60 3.37
N GLU B 131 -25.91 -14.83 2.08
CA GLU B 131 -24.59 -15.24 1.61
C GLU B 131 -23.52 -14.15 1.76
N LEU B 132 -23.86 -12.91 1.43
CA LEU B 132 -22.95 -11.78 1.68
C LEU B 132 -22.51 -11.66 3.16
N PHE B 133 -23.48 -11.75 4.07
CA PHE B 133 -23.20 -11.69 5.50
C PHE B 133 -22.36 -12.88 5.98
N GLY B 134 -22.57 -14.03 5.35
CA GLY B 134 -21.74 -15.21 5.61
C GLY B 134 -20.28 -14.99 5.25
N TYR B 135 -20.07 -14.28 4.15
CA TYR B 135 -18.74 -13.81 3.75
C TYR B 135 -18.17 -12.81 4.76
N CYS B 136 -18.99 -11.87 5.20
CA CYS B 136 -18.54 -10.91 6.21
C CYS B 136 -18.10 -11.66 7.46
N TYR B 137 -18.85 -12.70 7.84
CA TYR B 137 -18.41 -13.50 8.97
C TYR B 137 -17.03 -14.10 8.66
N GLY B 138 -16.93 -14.76 7.51
CA GLY B 138 -15.72 -15.51 7.18
C GLY B 138 -14.48 -14.65 7.12
N VAL B 139 -14.56 -13.43 6.57
CA VAL B 139 -13.35 -12.62 6.46
C VAL B 139 -13.11 -11.66 7.61
N ALA B 140 -14.13 -11.38 8.42
CA ALA B 140 -13.94 -10.35 9.42
C ALA B 140 -14.55 -10.68 10.78
N GLY B 141 -15.70 -11.36 10.80
CA GLY B 141 -16.22 -11.88 12.05
C GLY B 141 -15.22 -12.80 12.72
N THR B 142 -14.57 -13.66 11.92
CA THR B 142 -13.51 -14.55 12.36
C THR B 142 -12.39 -13.77 13.05
N VAL B 143 -11.98 -12.66 12.43
CA VAL B 143 -10.94 -11.81 12.99
C VAL B 143 -11.38 -11.23 14.33
N GLY B 144 -12.63 -10.79 14.44
CA GLY B 144 -13.15 -10.32 15.73
C GLY B 144 -13.02 -11.40 16.79
N GLU B 145 -13.36 -12.63 16.41
CA GLU B 145 -13.22 -13.79 17.29
C GLU B 145 -11.77 -14.02 17.77
N VAL B 146 -10.84 -14.03 16.83
CA VAL B 146 -9.42 -14.10 17.14
C VAL B 146 -8.99 -12.98 18.11
N LEU B 147 -9.42 -11.75 17.87
CA LEU B 147 -9.00 -10.64 18.71
C LEU B 147 -9.63 -10.58 20.11
N THR B 148 -10.71 -11.31 20.33
CA THR B 148 -11.52 -11.22 21.55
C THR B 148 -10.71 -11.35 22.85
N PRO B 149 -9.87 -12.40 22.98
CA PRO B 149 -9.08 -12.49 24.21
C PRO B 149 -8.00 -11.41 24.35
N ILE B 150 -7.61 -10.76 23.26
CA ILE B 150 -6.66 -9.63 23.31
C ILE B 150 -7.37 -8.38 23.83
N LEU B 151 -8.62 -8.17 23.38
CA LEU B 151 -9.32 -6.92 23.64
C LEU B 151 -10.21 -6.93 24.89
N SER B 152 -10.34 -8.10 25.52
CA SER B 152 -11.25 -8.25 26.64
C SER B 152 -10.64 -9.16 27.69
N ASP B 153 -11.14 -9.06 28.92
CA ASP B 153 -10.85 -9.99 30.01
C ASP B 153 -11.93 -11.07 30.18
N HIS B 154 -13.12 -10.83 29.64
CA HIS B 154 -14.26 -11.77 29.74
C HIS B 154 -14.44 -12.59 28.47
N GLU B 155 -14.07 -13.87 28.48
CA GLU B 155 -14.24 -14.66 27.28
C GLU B 155 -15.59 -15.37 27.25
N THR B 156 -16.63 -14.59 27.49
CA THR B 156 -17.97 -15.11 27.44
C THR B 156 -18.45 -15.06 26.00
N HIS B 157 -19.54 -15.79 25.74
CA HIS B 157 -20.21 -15.74 24.46
C HIS B 157 -20.59 -14.33 24.07
N GLN B 158 -21.05 -13.51 25.01
CA GLN B 158 -21.43 -12.14 24.72
C GLN B 158 -20.25 -11.35 24.13
N THR B 159 -19.05 -11.59 24.65
CA THR B 159 -17.86 -10.88 24.19
C THR B 159 -17.51 -11.27 22.76
N TYR B 160 -17.40 -12.57 22.50
CA TYR B 160 -17.22 -13.06 21.14
C TYR B 160 -18.28 -12.57 20.17
N ASP B 161 -19.54 -12.55 20.59
CA ASP B 161 -20.64 -12.10 19.74
C ASP B 161 -20.53 -10.62 19.38
N VAL B 162 -20.10 -9.81 20.33
CA VAL B 162 -19.93 -8.37 20.09
C VAL B 162 -18.74 -8.12 19.17
N ALA B 163 -17.64 -8.83 19.41
CA ALA B 163 -16.44 -8.67 18.59
C ALA B 163 -16.69 -9.15 17.18
N ARG B 164 -17.44 -10.25 17.06
CA ARG B 164 -17.84 -10.75 15.75
C ARG B 164 -18.68 -9.74 14.95
N ARG B 165 -19.69 -9.18 15.61
CA ARG B 165 -20.52 -8.15 15.00
C ARG B 165 -19.72 -6.89 14.66
N LEU B 166 -18.76 -6.52 15.50
CA LEU B 166 -17.91 -5.38 15.22
C LEU B 166 -17.12 -5.63 13.93
N GLY B 167 -16.53 -6.82 13.81
CA GLY B 167 -15.72 -7.15 12.64
C GLY B 167 -16.54 -7.11 11.37
N GLU B 168 -17.67 -7.80 11.38
CA GLU B 168 -18.59 -7.86 10.24
C GLU B 168 -19.13 -6.50 9.78
N SER B 169 -19.47 -5.63 10.73
CA SER B 169 -19.91 -4.28 10.38
C SER B 169 -18.78 -3.45 9.80
N LEU B 170 -17.57 -3.61 10.33
CA LEU B 170 -16.39 -2.94 9.75
C LEU B 170 -16.15 -3.45 8.33
N GLN B 171 -16.39 -4.73 8.09
CA GLN B 171 -16.25 -5.26 6.73
C GLN B 171 -17.31 -4.66 5.80
N LEU B 172 -18.53 -4.50 6.32
CA LEU B 172 -19.58 -3.89 5.51
C LEU B 172 -19.25 -2.44 5.19
N ILE B 173 -18.64 -1.71 6.12
CA ILE B 173 -18.18 -0.34 5.87
C ILE B 173 -17.14 -0.31 4.75
N ASN B 174 -16.22 -1.26 4.82
CA ASN B 174 -15.21 -1.47 3.80
C ASN B 174 -15.81 -1.64 2.40
N ILE B 175 -16.81 -2.51 2.31
CA ILE B 175 -17.53 -2.76 1.07
C ILE B 175 -18.20 -1.45 0.61
N LEU B 176 -18.76 -0.69 1.55
CA LEU B 176 -19.48 0.53 1.18
C LEU B 176 -18.55 1.64 0.71
N ARG B 177 -17.31 1.65 1.22
CA ARG B 177 -16.31 2.62 0.81
C ARG B 177 -15.67 2.30 -0.54
N ASP B 178 -15.56 1.01 -0.83
CA ASP B 178 -14.73 0.49 -1.91
C ASP B 178 -15.52 -0.05 -3.12
N VAL B 179 -16.79 0.32 -3.27
CA VAL B 179 -17.60 -0.18 -4.40
C VAL B 179 -16.87 -0.10 -5.75
N GLY B 180 -16.44 1.09 -6.14
CA GLY B 180 -15.75 1.28 -7.42
C GLY B 180 -14.45 0.53 -7.60
N GLU B 181 -13.56 0.66 -6.62
CA GLU B 181 -12.28 -0.04 -6.60
C GLU B 181 -12.51 -1.54 -6.75
N ASP B 182 -13.50 -2.08 -6.02
CA ASP B 182 -13.86 -3.50 -6.10
C ASP B 182 -14.38 -3.88 -7.49
N PHE B 183 -15.20 -3.02 -8.07
CA PHE B 183 -15.65 -3.23 -9.44
C PHE B 183 -14.47 -3.30 -10.41
N GLU B 184 -13.55 -2.35 -10.34
CA GLU B 184 -12.36 -2.38 -11.20
C GLU B 184 -11.62 -3.73 -11.09
N ASN B 185 -11.67 -4.32 -9.90
CA ASN B 185 -11.03 -5.60 -9.66
C ASN B 185 -11.99 -6.79 -9.79
N GLU B 186 -13.09 -6.55 -10.50
CA GLU B 186 -14.07 -7.57 -10.88
C GLU B 186 -14.80 -8.19 -9.69
N ARG B 187 -15.03 -7.38 -8.66
CA ARG B 187 -15.79 -7.83 -7.52
C ARG B 187 -16.94 -6.88 -7.20
N ILE B 188 -18.11 -7.47 -7.03
CA ILE B 188 -19.29 -6.76 -6.56
C ILE B 188 -19.72 -7.54 -5.33
N TYR B 189 -19.83 -6.83 -4.20
CA TYR B 189 -20.23 -7.48 -2.95
C TYR B 189 -21.73 -7.39 -2.66
N PHE B 190 -22.42 -6.42 -3.22
CA PHE B 190 -23.89 -6.35 -3.08
C PHE B 190 -24.50 -7.62 -3.66
N SER B 191 -25.53 -8.15 -3.00
CA SER B 191 -26.15 -9.41 -3.42
C SER B 191 -26.98 -9.19 -4.67
N LYS B 192 -27.07 -10.21 -5.51
CA LYS B 192 -27.94 -10.16 -6.69
C LYS B 192 -29.40 -9.90 -6.30
N GLN B 193 -29.85 -10.51 -5.20
CA GLN B 193 -31.21 -10.28 -4.66
C GLN B 193 -31.44 -8.78 -4.50
N ARG B 194 -30.52 -8.10 -3.82
CA ARG B 194 -30.69 -6.69 -3.51
C ARG B 194 -30.49 -5.81 -4.75
N LEU B 195 -29.52 -6.17 -5.58
CA LEU B 195 -29.25 -5.45 -6.82
C LEU B 195 -30.49 -5.40 -7.71
N LYS B 196 -31.11 -6.57 -7.89
CA LYS B 196 -32.32 -6.71 -8.71
C LYS B 196 -33.47 -5.90 -8.11
N GLN B 197 -33.66 -5.99 -6.79
CA GLN B 197 -34.71 -5.23 -6.11
C GLN B 197 -34.57 -3.72 -6.29
N TYR B 198 -33.35 -3.18 -6.17
CA TYR B 198 -33.16 -1.74 -6.32
C TYR B 198 -32.91 -1.23 -7.74
N GLU B 199 -32.91 -2.14 -8.71
CA GLU B 199 -32.70 -1.81 -10.13
C GLU B 199 -31.36 -1.09 -10.38
N VAL B 200 -30.29 -1.67 -9.85
CA VAL B 200 -28.94 -1.13 -9.95
C VAL B 200 -28.06 -2.10 -10.75
N ASP B 201 -27.30 -1.58 -11.70
CA ASP B 201 -26.26 -2.35 -12.37
C ASP B 201 -24.97 -1.60 -12.15
N ILE B 202 -24.03 -2.24 -11.45
CA ILE B 202 -22.85 -1.55 -10.96
C ILE B 202 -21.97 -1.06 -12.10
N ALA B 203 -21.82 -1.89 -13.14
CA ALA B 203 -21.14 -1.49 -14.38
C ALA B 203 -21.73 -0.22 -14.94
N GLU B 204 -23.07 -0.16 -14.97
CA GLU B 204 -23.80 0.96 -15.55
C GLU B 204 -23.58 2.22 -14.73
N VAL B 205 -23.61 2.07 -13.41
CA VAL B 205 -23.41 3.18 -12.48
C VAL B 205 -21.96 3.65 -12.55
N TYR B 206 -21.04 2.69 -12.60
CA TYR B 206 -19.62 2.98 -12.81
C TYR B 206 -19.44 3.83 -14.08
N GLN B 207 -20.11 3.46 -15.17
CA GLN B 207 -19.98 4.23 -16.41
C GLN B 207 -20.68 5.59 -16.37
N ASN B 208 -21.93 5.62 -15.89
CA ASN B 208 -22.82 6.78 -16.05
C ASN B 208 -22.98 7.70 -14.83
N GLY B 209 -22.42 7.32 -13.68
CA GLY B 209 -22.56 8.12 -12.46
C GLY B 209 -23.64 7.64 -11.51
N VAL B 210 -23.62 8.13 -10.28
CA VAL B 210 -24.60 7.73 -9.28
C VAL B 210 -26.02 8.15 -9.72
N ASN B 211 -27.01 7.28 -9.52
CA ASN B 211 -28.42 7.65 -9.69
C ASN B 211 -29.15 7.34 -8.38
N ASN B 212 -30.43 7.69 -8.33
CA ASN B 212 -31.21 7.49 -7.10
C ASN B 212 -31.38 6.04 -6.68
N HIS B 213 -31.55 5.16 -7.66
CA HIS B 213 -31.62 3.72 -7.39
C HIS B 213 -30.35 3.29 -6.67
N TYR B 214 -29.20 3.82 -7.10
CA TYR B 214 -27.92 3.43 -6.50
C TYR B 214 -27.78 3.94 -5.07
N ILE B 215 -28.06 5.22 -4.85
CA ILE B 215 -28.12 5.77 -3.49
C ILE B 215 -29.02 4.92 -2.61
N ASP B 216 -30.24 4.64 -3.08
CA ASP B 216 -31.18 3.80 -2.33
C ASP B 216 -30.58 2.46 -1.94
N LEU B 217 -29.95 1.76 -2.88
CA LEU B 217 -29.27 0.49 -2.55
C LEU B 217 -28.17 0.69 -1.51
N TRP B 218 -27.37 1.73 -1.73
CA TRP B 218 -26.24 2.02 -0.85
C TRP B 218 -26.70 2.27 0.58
N GLU B 219 -27.74 3.08 0.72
CA GLU B 219 -28.21 3.52 2.02
C GLU B 219 -28.95 2.40 2.76
N TYR B 220 -29.50 1.44 2.00
CA TYR B 220 -30.02 0.20 2.58
C TYR B 220 -28.93 -0.55 3.36
N TYR B 221 -27.78 -0.77 2.75
CA TYR B 221 -26.69 -1.46 3.45
C TYR B 221 -26.08 -0.59 4.55
N ALA B 222 -25.95 0.71 4.29
CA ALA B 222 -25.38 1.60 5.29
C ALA B 222 -26.20 1.65 6.58
N ALA B 223 -27.53 1.59 6.47
CA ALA B 223 -28.42 1.56 7.64
C ALA B 223 -28.23 0.30 8.48
N ILE B 224 -28.05 -0.83 7.82
CA ILE B 224 -27.74 -2.07 8.52
C ILE B 224 -26.42 -1.89 9.30
N ALA B 225 -25.38 -1.37 8.65
CA ALA B 225 -24.10 -1.12 9.31
C ALA B 225 -24.21 -0.18 10.51
N GLU B 226 -24.91 0.94 10.33
CA GLU B 226 -25.19 1.88 11.42
C GLU B 226 -25.95 1.28 12.60
N LYS B 227 -27.04 0.57 12.32
CA LYS B 227 -27.77 -0.14 13.36
C LYS B 227 -26.84 -1.06 14.16
N ASP B 228 -26.06 -1.86 13.44
CA ASP B 228 -25.14 -2.82 14.04
C ASP B 228 -24.05 -2.17 14.88
N PHE B 229 -23.48 -1.06 14.42
CA PHE B 229 -22.55 -0.29 15.25
C PHE B 229 -23.20 0.23 16.53
N ARG B 230 -24.42 0.75 16.46
CA ARG B 230 -25.14 1.19 17.64
C ARG B 230 -25.29 0.07 18.68
N ASP B 231 -25.70 -1.10 18.22
CA ASP B 231 -25.80 -2.29 19.06
C ASP B 231 -24.44 -2.69 19.63
N VAL B 232 -23.38 -2.60 18.84
CA VAL B 232 -22.03 -2.84 19.36
C VAL B 232 -21.72 -1.81 20.44
N MET B 233 -22.02 -0.54 20.18
CA MET B 233 -21.76 0.53 21.15
C MET B 233 -22.51 0.35 22.47
N ASP B 234 -23.73 -0.19 22.41
CA ASP B 234 -24.50 -0.45 23.63
C ASP B 234 -23.84 -1.48 24.54
N GLN B 235 -22.99 -2.32 23.93
CA GLN B 235 -22.34 -3.42 24.64
C GLN B 235 -20.82 -3.22 24.81
N ILE B 236 -20.37 -1.97 24.67
CA ILE B 236 -18.94 -1.66 24.67
C ILE B 236 -18.20 -2.14 25.93
N LYS B 237 -18.91 -2.24 27.04
CA LYS B 237 -18.28 -2.60 28.31
C LYS B 237 -17.89 -4.07 28.43
N VAL B 238 -18.27 -4.89 27.47
CA VAL B 238 -17.73 -6.25 27.38
C VAL B 238 -16.21 -6.24 27.15
N PHE B 239 -15.70 -5.14 26.60
CA PHE B 239 -14.27 -5.02 26.31
C PHE B 239 -13.53 -4.42 27.49
N SER B 240 -12.22 -4.63 27.49
CA SER B 240 -11.31 -4.10 28.50
C SER B 240 -11.41 -2.59 28.54
N ILE B 241 -11.27 -2.03 29.74
CA ILE B 241 -11.29 -0.59 29.92
C ILE B 241 -10.33 0.14 28.97
N GLU B 242 -9.14 -0.42 28.75
CA GLU B 242 -8.16 0.20 27.86
C GLU B 242 -8.57 0.09 26.38
N ALA B 243 -9.29 -0.97 26.03
CA ALA B 243 -9.71 -1.16 24.66
C ALA B 243 -10.96 -0.37 24.32
N GLN B 244 -11.78 -0.07 25.33
CA GLN B 244 -13.08 0.56 25.07
C GLN B 244 -12.95 1.82 24.23
N PRO B 245 -12.14 2.80 24.65
CA PRO B 245 -12.04 4.01 23.82
C PRO B 245 -11.55 3.75 22.40
N ILE B 246 -10.63 2.80 22.24
CA ILE B 246 -10.09 2.43 20.94
C ILE B 246 -11.19 1.85 20.06
N ILE B 247 -12.01 0.97 20.62
CA ILE B 247 -13.10 0.35 19.87
C ILE B 247 -14.22 1.36 19.56
N GLU B 248 -14.50 2.25 20.51
CA GLU B 248 -15.43 3.35 20.24
C GLU B 248 -14.92 4.20 19.08
N LEU B 249 -13.62 4.46 19.04
CA LEU B 249 -13.02 5.20 17.93
C LEU B 249 -13.20 4.46 16.59
N ALA B 250 -13.00 3.14 16.59
CA ALA B 250 -13.24 2.35 15.38
C ALA B 250 -14.66 2.59 14.85
N ALA B 251 -15.65 2.41 15.70
CA ALA B 251 -17.05 2.55 15.32
C ALA B 251 -17.34 3.96 14.79
N ARG B 252 -16.81 4.97 15.46
CA ARG B 252 -16.98 6.36 15.04
C ARG B 252 -16.25 6.71 13.73
N ILE B 253 -15.02 6.23 13.56
CA ILE B 253 -14.33 6.40 12.28
C ILE B 253 -15.11 5.72 11.15
N ALA B 254 -15.70 4.57 11.43
CA ALA B 254 -16.54 3.86 10.45
C ALA B 254 -17.77 4.68 10.06
N ILE B 255 -18.38 5.33 11.04
CA ILE B 255 -19.52 6.19 10.76
C ILE B 255 -19.07 7.42 9.96
N GLU B 256 -17.89 7.96 10.29
CA GLU B 256 -17.32 9.06 9.52
C GLU B 256 -17.03 8.70 8.05
N ILE B 257 -16.58 7.47 7.81
CA ILE B 257 -16.30 7.01 6.44
C ILE B 257 -17.60 7.01 5.64
N LEU B 258 -18.67 6.48 6.24
CA LEU B 258 -19.98 6.50 5.61
C LEU B 258 -20.44 7.91 5.27
N ASP B 259 -20.20 8.86 6.16
CA ASP B 259 -20.45 10.27 5.85
C ASP B 259 -19.52 10.85 4.79
N GLU B 260 -18.31 10.32 4.64
CA GLU B 260 -17.42 10.83 3.60
C GLU B 260 -17.90 10.34 2.23
N VAL B 261 -18.38 9.10 2.16
CA VAL B 261 -18.97 8.59 0.92
C VAL B 261 -20.17 9.44 0.51
N ARG B 262 -21.07 9.69 1.45
CA ARG B 262 -22.28 10.49 1.22
C ARG B 262 -21.95 11.87 0.65
N GLN B 263 -20.96 12.53 1.24
CA GLN B 263 -20.61 13.89 0.85
C GLN B 263 -19.85 13.95 -0.46
N ALA B 264 -19.20 12.84 -0.81
CA ALA B 264 -18.54 12.69 -2.10
C ALA B 264 -19.54 12.19 -3.15
N ASN B 265 -20.82 12.29 -2.82
CA ASN B 265 -21.88 11.80 -3.71
C ASN B 265 -21.70 10.37 -4.19
N TYR B 266 -21.31 9.51 -3.26
CA TYR B 266 -21.23 8.08 -3.47
C TYR B 266 -20.34 7.70 -4.65
N THR B 267 -19.28 8.48 -4.84
CA THR B 267 -18.41 8.30 -6.01
C THR B 267 -17.87 6.87 -6.08
N LEU B 268 -17.87 6.35 -7.30
CA LEU B 268 -17.28 5.06 -7.59
C LEU B 268 -15.85 5.24 -8.12
N HIS B 269 -15.36 6.48 -8.09
CA HIS B 269 -14.09 6.76 -8.76
C HIS B 269 -12.99 7.30 -7.85
N GLU B 270 -13.32 7.51 -6.57
CA GLU B 270 -12.35 7.85 -5.53
C GLU B 270 -12.49 6.97 -4.29
N ARG B 271 -11.36 6.71 -3.64
CA ARG B 271 -11.28 6.12 -2.32
C ARG B 271 -11.35 7.25 -1.29
N VAL B 272 -12.45 7.36 -0.57
CA VAL B 272 -12.56 8.41 0.44
C VAL B 272 -11.83 7.99 1.71
N PHE B 273 -11.35 8.98 2.45
CA PHE B 273 -10.56 8.71 3.64
C PHE B 273 -10.85 9.76 4.72
N VAL B 274 -10.83 9.34 5.97
CA VAL B 274 -10.89 10.31 7.06
C VAL B 274 -9.49 10.81 7.36
N GLU B 275 -9.32 12.13 7.37
CA GLU B 275 -8.00 12.68 7.63
C GLU B 275 -7.49 12.33 9.03
N LYS B 276 -6.18 12.11 9.12
CA LYS B 276 -5.51 11.76 10.37
C LYS B 276 -5.79 12.79 11.46
N ARG B 277 -5.86 14.06 11.08
CA ARG B 277 -6.18 15.13 12.01
C ARG B 277 -7.63 15.02 12.49
N LYS B 278 -8.54 14.62 11.61
CA LYS B 278 -9.93 14.42 11.99
C LYS B 278 -10.11 13.25 12.96
N LYS B 279 -9.34 12.18 12.74
CA LYS B 279 -9.34 11.03 13.64
C LYS B 279 -8.91 11.43 15.05
N ALA B 280 -7.91 12.31 15.14
CA ALA B 280 -7.42 12.77 16.43
C ALA B 280 -8.50 13.55 17.17
N LYS B 281 -9.22 14.38 16.42
CA LYS B 281 -10.33 15.16 16.95
C LYS B 281 -11.39 14.22 17.52
N LEU B 282 -11.82 13.28 16.68
CA LEU B 282 -12.79 12.28 17.08
C LEU B 282 -12.34 11.53 18.32
N PHE B 283 -11.06 11.20 18.39
CA PHE B 283 -10.52 10.50 19.55
C PHE B 283 -10.55 11.35 20.80
N HIS B 284 -10.27 12.64 20.65
CA HIS B 284 -10.28 13.55 21.78
C HIS B 284 -11.69 13.66 22.34
N GLU B 285 -12.67 13.74 21.45
CA GLU B 285 -14.07 13.84 21.86
C GLU B 285 -14.48 12.59 22.62
N ILE B 286 -14.13 11.43 22.06
CA ILE B 286 -14.38 10.16 22.72
C ILE B 286 -13.59 10.02 24.02
N ASN B 287 -12.30 10.34 24.01
CA ASN B 287 -11.43 9.98 25.13
C ASN B 287 -11.61 10.80 26.40
N SER B 288 -12.46 11.83 26.34
CA SER B 288 -12.77 12.66 27.51
C SER B 288 -13.93 12.13 28.34
N LYS B 289 -14.78 11.31 27.73
CA LYS B 289 -15.81 10.57 28.47
C LYS B 289 -15.13 9.52 29.35
N TYR B 290 -13.86 9.23 29.06
CA TYR B 290 -13.11 8.18 29.75
C TYR B 290 -12.15 8.74 30.80
#